data_8PFL
#
_entry.id   8PFL
#
_cell.length_a   40.231
_cell.length_b   87.484
_cell.length_c   133.878
_cell.angle_alpha   90
_cell.angle_beta   90
_cell.angle_gamma   90
#
_symmetry.space_group_name_H-M   'P 21 21 21'
#
loop_
_entity.id
_entity.type
_entity.pdbx_description
1 polymer "Bifunctional 3'-5' exonuclease/ATP-dependent helicase WRN"
2 non-polymer 'ZINC ION'
3 non-polymer 2-[2-(3,6-dihydro-2~{H}-pyran-4-yl)-5-ethyl-7-oxidanylidene-6-[4-(3-oxidanylpyridin-2-yl)carbonylpiperazin-1-yl]-[1,2,4]triazolo[1,5-a]pyrimidin-4-yl]-~{N}-[2-methyl-4-(trifluoromethyl)phenyl]ethanamide
4 water water
#
_entity_poly.entity_id   1
_entity_poly.type   'polypeptide(L)'
_entity_poly.pdbx_seq_one_letter_code
;GPNEGEEDDDKDFLWPAPNEEQVTCLKMYFGHSSFKPVQWKVIHSVLEEARDNVAVMATGYGKSLCFQYPPVYVGKIGLV
ISPLISLMEDQVLQLKMSNIPACFLGSAQSANVLTDIKLGKYRIVYVTPEYCSGNMGLLQQLEADIGITLIAVDEAHCIS
EWGHDFRDSFRKLGSLKTALPMVPIVALTATASSSIREDIVRCLNLRNPQITCTGFDRPNLYLEVRRKTGNILQDLQPFL
VKTSSHWEFEGPTIIYCPSRKMTQQVTGELAKLNLSCGTYHAGMSFSTAKDIHHRFVRDEIQCVIATIAFGMGINKADIR
QVIHYGAPKDMESYYQEIGRAGRDGLQSSCHVLWAPADINLNRHLLTEIRNAKFRLYKLKMMAKMEKYLHSSRCRRQIIL
SHFEDKQVQKASLGIMGTEKCCDNCRSALDH
;
_entity_poly.pdbx_strand_id   A
#
# COMPACT_ATOMS: atom_id res chain seq x y z
N ASP A 9 -13.58 14.06 -4.83
CA ASP A 9 -14.36 12.83 -4.87
C ASP A 9 -13.41 11.64 -4.85
N ASP A 10 -13.59 10.68 -3.91
CA ASP A 10 -12.67 9.54 -3.86
C ASP A 10 -13.01 8.47 -4.92
N LYS A 11 -14.14 8.63 -5.67
CA LYS A 11 -14.47 7.73 -6.77
C LYS A 11 -13.41 7.84 -7.88
N ASP A 12 -12.79 9.04 -8.02
CA ASP A 12 -11.73 9.28 -8.99
C ASP A 12 -10.57 8.32 -8.81
N PHE A 13 -10.29 7.87 -7.57
CA PHE A 13 -9.17 6.98 -7.31
C PHE A 13 -9.42 5.52 -7.68
N LEU A 14 -10.67 5.13 -7.99
CA LEU A 14 -10.97 3.73 -8.25
C LEU A 14 -10.58 3.31 -9.65
N TRP A 15 -9.50 2.53 -9.77
CA TRP A 15 -9.05 2.05 -11.07
C TRP A 15 -8.93 0.53 -11.09
N PRO A 16 -9.60 -0.16 -12.01
CA PRO A 16 -10.64 0.36 -12.91
C PRO A 16 -11.95 0.62 -12.13
N ALA A 17 -12.96 1.21 -12.77
CA ALA A 17 -14.20 1.53 -12.08
C ALA A 17 -14.96 0.27 -11.74
N PRO A 18 -15.53 0.16 -10.52
CA PRO A 18 -16.42 -0.98 -10.24
C PRO A 18 -17.62 -0.97 -11.21
N ASN A 19 -18.12 -2.15 -11.61
CA ASN A 19 -19.27 -2.21 -12.54
C ASN A 19 -20.61 -2.20 -11.77
N GLU A 20 -21.75 -2.05 -12.46
CA GLU A 20 -23.06 -2.03 -11.79
C GLU A 20 -23.37 -3.29 -10.97
N GLU A 21 -22.98 -4.49 -11.44
CA GLU A 21 -23.23 -5.72 -10.69
C GLU A 21 -22.46 -5.71 -9.36
N GLN A 22 -21.22 -5.21 -9.38
CA GLN A 22 -20.41 -5.12 -8.18
C GLN A 22 -21.02 -4.12 -7.19
N VAL A 23 -21.50 -2.97 -7.68
CA VAL A 23 -22.11 -1.97 -6.82
C VAL A 23 -23.45 -2.47 -6.23
N THR A 24 -24.26 -3.16 -7.03
CA THR A 24 -25.53 -3.75 -6.60
C THR A 24 -25.29 -4.77 -5.48
N CYS A 25 -24.24 -5.59 -5.62
CA CYS A 25 -23.91 -6.58 -4.60
C CYS A 25 -23.46 -5.89 -3.30
N LEU A 26 -22.67 -4.82 -3.41
CA LEU A 26 -22.20 -4.08 -2.24
C LEU A 26 -23.39 -3.50 -1.45
N LYS A 27 -24.36 -2.88 -2.15
CA LYS A 27 -25.54 -2.29 -1.52
C LYS A 27 -26.42 -3.37 -0.87
N MET A 28 -26.69 -4.45 -1.61
CA MET A 28 -27.56 -5.53 -1.15
C MET A 28 -27.06 -6.26 0.09
N TYR A 29 -25.78 -6.64 0.13
CA TYR A 29 -25.27 -7.45 1.22
C TYR A 29 -24.45 -6.72 2.25
N PHE A 30 -23.96 -5.52 1.94
CA PHE A 30 -23.12 -4.79 2.90
C PHE A 30 -23.67 -3.42 3.31
N GLY A 31 -24.68 -2.91 2.60
CA GLY A 31 -25.31 -1.64 2.93
C GLY A 31 -24.48 -0.41 2.61
N HIS A 32 -23.52 -0.55 1.70
CA HIS A 32 -22.71 0.59 1.28
C HIS A 32 -23.04 0.90 -0.16
N SER A 33 -23.08 2.19 -0.51
CA SER A 33 -23.35 2.60 -1.89
C SER A 33 -22.04 2.75 -2.69
N SER A 34 -20.86 2.72 -2.03
CA SER A 34 -19.60 2.89 -2.71
C SER A 34 -18.47 2.21 -1.94
N PHE A 35 -17.43 1.81 -2.69
CA PHE A 35 -16.24 1.20 -2.12
C PHE A 35 -15.26 2.30 -1.77
N LYS A 36 -14.55 2.15 -0.66
CA LYS A 36 -13.46 3.06 -0.31
C LYS A 36 -12.29 2.61 -1.18
N PRO A 37 -11.43 3.56 -1.57
CA PRO A 37 -10.32 3.21 -2.45
C PRO A 37 -9.45 2.04 -2.00
N VAL A 38 -9.09 1.96 -0.71
CA VAL A 38 -8.23 0.85 -0.26
C VAL A 38 -8.97 -0.49 -0.33
N GLN A 39 -10.28 -0.48 -0.02
CA GLN A 39 -11.08 -1.70 -0.10
C GLN A 39 -11.16 -2.17 -1.55
N TRP A 40 -11.38 -1.22 -2.47
CA TRP A 40 -11.46 -1.54 -3.89
C TRP A 40 -10.16 -2.13 -4.40
N LYS A 41 -9.01 -1.57 -3.98
CA LYS A 41 -7.70 -2.09 -4.39
C LYS A 41 -7.55 -3.55 -4.03
N VAL A 42 -7.94 -3.92 -2.80
CA VAL A 42 -7.84 -5.30 -2.36
C VAL A 42 -8.85 -6.19 -3.09
N ILE A 43 -10.11 -5.79 -3.09
CA ILE A 43 -11.17 -6.55 -3.75
C ILE A 43 -10.88 -6.79 -5.25
N HIS A 44 -10.51 -5.73 -6.00
CA HIS A 44 -10.23 -5.88 -7.42
C HIS A 44 -9.04 -6.80 -7.65
N SER A 45 -7.96 -6.67 -6.85
CA SER A 45 -6.80 -7.53 -7.04
C SER A 45 -7.15 -9.00 -6.78
N VAL A 46 -8.01 -9.27 -5.78
CA VAL A 46 -8.45 -10.66 -5.54
C VAL A 46 -9.32 -11.18 -6.68
N LEU A 47 -10.38 -10.45 -7.03
CA LEU A 47 -11.34 -10.88 -8.05
C LEU A 47 -10.74 -11.03 -9.43
N GLU A 48 -9.99 -10.03 -9.88
CA GLU A 48 -9.47 -10.04 -11.24
C GLU A 48 -8.08 -10.62 -11.41
N GLU A 49 -7.25 -10.57 -10.38
CA GLU A 49 -5.87 -11.03 -10.52
C GLU A 49 -5.49 -12.20 -9.63
N ALA A 50 -6.39 -12.63 -8.69
CA ALA A 50 -6.10 -13.66 -7.67
C ALA A 50 -4.75 -13.32 -6.97
N ARG A 51 -4.56 -12.04 -6.68
CA ARG A 51 -3.31 -11.56 -6.14
C ARG A 51 -3.26 -11.60 -4.63
N ASP A 52 -2.13 -12.04 -4.09
CA ASP A 52 -1.89 -12.01 -2.65
C ASP A 52 -1.81 -10.57 -2.19
N ASN A 53 -2.23 -10.32 -0.96
CA ASN A 53 -2.22 -8.98 -0.42
C ASN A 53 -1.72 -8.98 1.00
N VAL A 54 -1.08 -7.87 1.38
CA VAL A 54 -0.82 -7.57 2.77
C VAL A 54 -1.56 -6.27 2.99
N ALA A 55 -2.62 -6.30 3.80
CA ALA A 55 -3.41 -5.11 4.07
C ALA A 55 -3.21 -4.71 5.53
N VAL A 56 -2.42 -3.66 5.74
CA VAL A 56 -2.14 -3.15 7.07
C VAL A 56 -3.15 -2.09 7.37
N MET A 57 -3.87 -2.22 8.49
CA MET A 57 -4.86 -1.21 8.88
C MET A 57 -4.72 -0.90 10.34
N ALA A 58 -4.53 0.38 10.69
CA ALA A 58 -4.37 0.82 12.07
C ALA A 58 -5.51 0.39 12.98
N THR A 59 -6.76 0.36 12.47
CA THR A 59 -7.99 -0.01 13.18
C THR A 59 -8.86 -1.03 12.35
N GLY A 60 -9.93 -1.57 12.94
CA GLY A 60 -10.82 -2.52 12.26
C GLY A 60 -11.92 -1.88 11.41
N TYR A 61 -11.97 -0.54 11.32
CA TYR A 61 -12.98 0.15 10.53
C TYR A 61 -12.84 -0.13 9.03
N GLY A 62 -13.80 -0.85 8.45
CA GLY A 62 -13.77 -1.15 7.01
C GLY A 62 -12.77 -2.23 6.61
N LYS A 63 -12.30 -3.02 7.58
CA LYS A 63 -11.35 -4.09 7.33
C LYS A 63 -12.02 -5.36 6.80
N SER A 64 -13.15 -5.76 7.42
CA SER A 64 -13.78 -7.03 7.04
C SER A 64 -14.30 -7.05 5.62
N LEU A 65 -14.71 -5.89 5.07
CA LEU A 65 -15.24 -5.87 3.70
C LEU A 65 -14.25 -6.43 2.65
N CYS A 66 -12.94 -6.15 2.79
CA CYS A 66 -11.88 -6.60 1.89
CA CYS A 66 -12.01 -6.56 1.75
C CYS A 66 -11.90 -8.07 1.61
N PHE A 67 -12.17 -8.85 2.68
CA PHE A 67 -12.14 -10.30 2.56
C PHE A 67 -13.55 -10.91 2.50
N GLN A 68 -14.59 -10.20 2.97
CA GLN A 68 -15.95 -10.74 2.92
C GLN A 68 -16.62 -10.51 1.59
N TYR A 69 -16.35 -9.35 0.97
CA TYR A 69 -17.01 -9.02 -0.28
C TYR A 69 -16.68 -9.99 -1.45
N PRO A 70 -15.40 -10.31 -1.78
CA PRO A 70 -15.14 -11.16 -2.96
C PRO A 70 -15.89 -12.49 -3.00
N PRO A 71 -15.88 -13.38 -1.97
CA PRO A 71 -16.63 -14.65 -2.11
C PRO A 71 -18.14 -14.47 -2.19
N VAL A 72 -18.67 -13.42 -1.56
CA VAL A 72 -20.09 -13.10 -1.64
C VAL A 72 -20.43 -12.70 -3.09
N TYR A 73 -19.59 -11.85 -3.70
CA TYR A 73 -19.84 -11.41 -5.09
C TYR A 73 -19.82 -12.59 -6.08
N VAL A 74 -18.86 -13.53 -5.94
CA VAL A 74 -18.79 -14.65 -6.89
C VAL A 74 -19.60 -15.90 -6.46
N GLY A 75 -20.25 -15.85 -5.29
CA GLY A 75 -21.07 -16.95 -4.79
C GLY A 75 -20.25 -18.18 -4.45
N LYS A 76 -19.02 -17.98 -3.97
CA LYS A 76 -18.13 -19.09 -3.64
C LYS A 76 -17.80 -19.12 -2.13
N ILE A 77 -16.56 -19.42 -1.73
CA ILE A 77 -16.18 -19.51 -0.34
C ILE A 77 -14.93 -18.68 -0.07
N GLY A 78 -14.95 -17.97 1.04
CA GLY A 78 -13.78 -17.25 1.56
C GLY A 78 -13.47 -17.89 2.89
N LEU A 79 -12.22 -18.26 3.11
CA LEU A 79 -11.80 -18.85 4.38
C LEU A 79 -11.13 -17.76 5.20
N VAL A 80 -11.51 -17.60 6.47
CA VAL A 80 -10.89 -16.63 7.33
C VAL A 80 -10.18 -17.35 8.48
N ILE A 81 -8.87 -17.17 8.57
CA ILE A 81 -8.06 -17.79 9.60
C ILE A 81 -7.70 -16.76 10.64
N SER A 82 -8.13 -16.99 11.87
CA SER A 82 -7.88 -16.05 12.95
C SER A 82 -7.85 -16.75 14.29
N PRO A 83 -7.03 -16.24 15.23
CA PRO A 83 -7.08 -16.78 16.59
C PRO A 83 -8.10 -16.05 17.48
N LEU A 84 -8.75 -14.98 16.98
CA LEU A 84 -9.66 -14.15 17.77
C LEU A 84 -11.09 -14.70 17.76
N ILE A 85 -11.28 -15.84 18.42
CA ILE A 85 -12.51 -16.62 18.50
C ILE A 85 -13.76 -15.78 18.68
N SER A 86 -13.83 -14.94 19.73
CA SER A 86 -15.03 -14.14 19.96
C SER A 86 -15.31 -13.15 18.83
N LEU A 87 -14.27 -12.55 18.24
CA LEU A 87 -14.48 -11.62 17.11
C LEU A 87 -15.02 -12.39 15.90
N MET A 88 -14.49 -13.60 15.67
CA MET A 88 -14.93 -14.42 14.53
C MET A 88 -16.40 -14.81 14.71
N GLU A 89 -16.79 -15.16 15.94
CA GLU A 89 -18.18 -15.48 16.25
C GLU A 89 -19.08 -14.25 16.02
N ASP A 90 -18.64 -13.06 16.43
CA ASP A 90 -19.40 -11.81 16.21
C ASP A 90 -19.55 -11.51 14.72
N GLN A 91 -18.47 -11.76 13.94
CA GLN A 91 -18.51 -11.48 12.52
C GLN A 91 -19.43 -12.45 11.82
N VAL A 92 -19.42 -13.74 12.22
CA VAL A 92 -20.35 -14.74 11.66
C VAL A 92 -21.80 -14.27 11.93
N LEU A 93 -22.06 -13.80 13.15
CA LEU A 93 -23.37 -13.33 13.54
C LEU A 93 -23.81 -12.10 12.72
N GLN A 94 -22.88 -11.14 12.49
CA GLN A 94 -23.21 -9.95 11.70
C GLN A 94 -23.49 -10.32 10.22
N LEU A 95 -22.74 -11.29 9.68
CA LEU A 95 -22.95 -11.77 8.31
C LEU A 95 -24.32 -12.39 8.16
N LYS A 96 -24.72 -13.27 9.10
CA LYS A 96 -26.03 -13.91 9.09
C LYS A 96 -27.12 -12.87 9.16
N MET A 97 -26.94 -11.81 9.97
CA MET A 97 -27.93 -10.72 10.07
C MET A 97 -28.11 -10.01 8.72
N SER A 98 -27.07 -9.97 7.88
CA SER A 98 -27.13 -9.37 6.55
C SER A 98 -27.54 -10.38 5.46
N ASN A 99 -28.03 -11.57 5.86
CA ASN A 99 -28.44 -12.66 4.98
C ASN A 99 -27.28 -13.24 4.17
N ILE A 100 -26.08 -13.26 4.77
CA ILE A 100 -24.92 -13.88 4.15
C ILE A 100 -24.65 -15.15 4.95
N PRO A 101 -24.76 -16.32 4.31
CA PRO A 101 -24.49 -17.57 5.04
C PRO A 101 -23.02 -17.67 5.45
N ALA A 102 -22.79 -17.81 6.76
CA ALA A 102 -21.44 -17.86 7.31
C ALA A 102 -21.39 -18.75 8.52
N CYS A 103 -20.22 -19.33 8.81
CA CYS A 103 -20.08 -20.17 10.00
C CYS A 103 -18.67 -20.20 10.54
N PHE A 104 -18.54 -20.60 11.81
CA PHE A 104 -17.27 -20.81 12.47
C PHE A 104 -17.12 -22.33 12.41
N LEU A 105 -16.12 -22.83 11.70
CA LEU A 105 -15.89 -24.26 11.57
C LEU A 105 -14.82 -24.69 12.55
N GLY A 106 -15.21 -25.55 13.49
CA GLY A 106 -14.30 -26.10 14.49
C GLY A 106 -14.55 -27.57 14.75
N SER A 107 -13.81 -28.15 15.71
CA SER A 107 -13.97 -29.57 16.05
C SER A 107 -15.34 -29.89 16.68
N ALA A 108 -16.06 -28.87 17.19
CA ALA A 108 -17.37 -29.09 17.79
C ALA A 108 -18.54 -28.94 16.81
N GLN A 109 -18.30 -28.47 15.57
CA GLN A 109 -19.39 -28.28 14.60
C GLN A 109 -20.12 -29.57 14.19
N SER A 110 -21.40 -29.44 13.86
CA SER A 110 -22.22 -30.59 13.47
C SER A 110 -21.90 -31.05 12.04
N ALA A 111 -22.12 -32.34 11.77
CA ALA A 111 -21.92 -32.93 10.44
C ALA A 111 -22.80 -32.28 9.39
N ASN A 112 -23.99 -31.79 9.79
CA ASN A 112 -24.94 -31.13 8.88
C ASN A 112 -24.32 -29.80 8.38
N VAL A 113 -23.62 -29.06 9.26
CA VAL A 113 -22.96 -27.81 8.89
C VAL A 113 -21.76 -28.06 7.98
N LEU A 114 -20.90 -29.05 8.31
CA LEU A 114 -19.76 -29.39 7.47
C LEU A 114 -20.20 -29.89 6.06
N THR A 115 -21.35 -30.60 5.97
CA THR A 115 -21.88 -31.04 4.68
C THR A 115 -22.29 -29.84 3.84
N ASP A 116 -22.90 -28.82 4.46
CA ASP A 116 -23.30 -27.61 3.73
C ASP A 116 -22.07 -26.81 3.27
N ILE A 117 -20.97 -26.82 4.05
CA ILE A 117 -19.72 -26.17 3.63
C ILE A 117 -19.18 -26.89 2.38
N LYS A 118 -19.16 -28.24 2.40
CA LYS A 118 -18.69 -29.04 1.25
C LYS A 118 -19.56 -28.83 0.01
N LEU A 119 -20.86 -28.59 0.21
CA LEU A 119 -21.79 -28.32 -0.89
C LEU A 119 -21.76 -26.86 -1.39
N GLY A 120 -20.92 -26.01 -0.79
CA GLY A 120 -20.79 -24.62 -1.21
C GLY A 120 -21.90 -23.69 -0.74
N LYS A 121 -22.58 -24.02 0.36
CA LYS A 121 -23.68 -23.18 0.87
C LYS A 121 -23.23 -22.00 1.76
N TYR A 122 -22.03 -22.07 2.34
CA TYR A 122 -21.53 -20.98 3.18
C TYR A 122 -20.58 -20.10 2.37
N ARG A 123 -20.75 -18.76 2.42
CA ARG A 123 -19.86 -17.85 1.69
C ARG A 123 -18.61 -17.57 2.48
N ILE A 124 -18.72 -17.47 3.81
CA ILE A 124 -17.55 -17.18 4.64
C ILE A 124 -17.44 -18.24 5.73
N VAL A 125 -16.28 -18.88 5.82
CA VAL A 125 -16.00 -19.89 6.82
C VAL A 125 -14.81 -19.45 7.65
N TYR A 126 -15.01 -19.28 8.97
CA TYR A 126 -13.96 -18.87 9.91
C TYR A 126 -13.40 -20.10 10.58
N VAL A 127 -12.07 -20.18 10.66
CA VAL A 127 -11.37 -21.28 11.31
C VAL A 127 -10.17 -20.74 12.09
N THR A 128 -9.71 -21.49 13.12
CA THR A 128 -8.49 -21.10 13.83
C THR A 128 -7.27 -21.57 13.01
N PRO A 129 -6.06 -21.04 13.26
CA PRO A 129 -4.88 -21.56 12.56
C PRO A 129 -4.61 -23.03 12.90
N GLU A 130 -4.95 -23.47 14.15
CA GLU A 130 -4.76 -24.86 14.56
C GLU A 130 -5.70 -25.78 13.77
N TYR A 131 -7.00 -25.42 13.67
CA TYR A 131 -7.96 -26.23 12.92
C TYR A 131 -7.54 -26.32 11.45
N CYS A 132 -7.10 -25.19 10.88
CA CYS A 132 -6.67 -25.11 9.49
C CYS A 132 -5.51 -26.07 9.17
N SER A 133 -4.44 -26.08 9.99
CA SER A 133 -3.30 -26.97 9.75
C SER A 133 -3.60 -28.45 10.02
N GLY A 134 -4.66 -28.74 10.77
CA GLY A 134 -5.05 -30.11 11.05
C GLY A 134 -6.05 -30.67 10.05
N ASN A 135 -6.64 -29.80 9.20
CA ASN A 135 -7.65 -30.21 8.22
C ASN A 135 -7.37 -29.68 6.80
N MET A 136 -6.12 -29.79 6.32
CA MET A 136 -5.75 -29.30 4.99
C MET A 136 -6.45 -30.04 3.86
N GLY A 137 -6.70 -31.33 4.04
CA GLY A 137 -7.41 -32.15 3.05
C GLY A 137 -8.81 -31.64 2.79
N LEU A 138 -9.48 -31.13 3.84
CA LEU A 138 -10.80 -30.54 3.72
C LEU A 138 -10.70 -29.29 2.84
N LEU A 139 -9.68 -28.44 3.06
CA LEU A 139 -9.51 -27.24 2.24
C LEU A 139 -9.22 -27.58 0.78
N GLN A 140 -8.41 -28.64 0.54
CA GLN A 140 -8.13 -29.06 -0.83
C GLN A 140 -9.43 -29.56 -1.52
N GLN A 141 -10.32 -30.23 -0.78
CA GLN A 141 -11.61 -30.70 -1.30
C GLN A 141 -12.52 -29.50 -1.62
N LEU A 142 -12.53 -28.49 -0.74
CA LEU A 142 -13.35 -27.31 -0.96
C LEU A 142 -12.89 -26.56 -2.22
N GLU A 143 -11.56 -26.48 -2.45
CA GLU A 143 -10.97 -25.82 -3.60
C GLU A 143 -11.31 -26.55 -4.88
N ALA A 144 -11.23 -27.89 -4.85
CA ALA A 144 -11.54 -28.69 -6.03
C ALA A 144 -13.04 -28.64 -6.37
N ASP A 145 -13.94 -28.78 -5.38
CA ASP A 145 -15.37 -28.86 -5.66
C ASP A 145 -16.11 -27.55 -5.79
N ILE A 146 -15.73 -26.54 -5.00
CA ILE A 146 -16.41 -25.26 -5.01
C ILE A 146 -15.49 -24.14 -5.53
N GLY A 147 -14.30 -24.08 -4.96
CA GLY A 147 -13.35 -23.03 -5.28
C GLY A 147 -13.29 -22.02 -4.15
N ILE A 148 -12.11 -21.80 -3.61
CA ILE A 148 -11.91 -20.85 -2.53
C ILE A 148 -11.45 -19.54 -3.19
N THR A 149 -12.25 -18.48 -3.05
CA THR A 149 -11.99 -17.16 -3.61
C THR A 149 -10.73 -16.57 -2.99
N LEU A 150 -10.60 -16.69 -1.67
CA LEU A 150 -9.43 -16.17 -0.95
C LEU A 150 -9.34 -16.82 0.41
N ILE A 151 -8.17 -16.69 1.01
CA ILE A 151 -7.91 -17.06 2.39
C ILE A 151 -7.43 -15.78 3.07
N ALA A 152 -8.10 -15.34 4.12
CA ALA A 152 -7.67 -14.17 4.88
C ALA A 152 -6.97 -14.70 6.12
N VAL A 153 -5.77 -14.17 6.42
CA VAL A 153 -5.04 -14.57 7.62
C VAL A 153 -5.02 -13.33 8.52
N ASP A 154 -5.88 -13.31 9.55
CA ASP A 154 -5.91 -12.19 10.47
C ASP A 154 -4.78 -12.28 11.49
N GLU A 155 -4.37 -11.12 12.03
CA GLU A 155 -3.26 -11.04 13.01
C GLU A 155 -2.00 -11.68 12.41
N ALA A 156 -1.76 -11.45 11.10
CA ALA A 156 -0.68 -12.06 10.32
C ALA A 156 0.69 -11.81 10.89
N HIS A 157 0.88 -10.73 11.69
CA HIS A 157 2.16 -10.46 12.36
C HIS A 157 2.56 -11.62 13.32
N CYS A 158 1.63 -12.53 13.67
CA CYS A 158 1.92 -13.69 14.53
C CYS A 158 2.80 -14.74 13.87
N ILE A 159 2.95 -14.69 12.54
CA ILE A 159 3.83 -15.62 11.83
C ILE A 159 5.33 -15.16 11.92
N SER A 160 5.60 -13.91 12.34
CA SER A 160 6.96 -13.39 12.41
C SER A 160 7.66 -13.62 13.75
N GLU A 161 8.87 -14.18 13.69
CA GLU A 161 9.66 -14.41 14.89
C GLU A 161 10.13 -13.09 15.53
N TRP A 162 10.28 -12.02 14.74
CA TRP A 162 10.72 -10.75 15.32
C TRP A 162 9.56 -9.79 15.67
N GLY A 163 8.33 -10.24 15.53
CA GLY A 163 7.18 -9.47 15.99
C GLY A 163 7.00 -9.63 17.48
N HIS A 164 6.04 -8.90 18.06
CA HIS A 164 5.80 -8.98 19.51
C HIS A 164 4.89 -10.13 19.95
N ASP A 165 4.35 -10.91 19.00
CA ASP A 165 3.44 -11.98 19.36
C ASP A 165 3.56 -13.19 18.44
N PHE A 166 4.75 -13.82 18.40
CA PHE A 166 4.94 -15.00 17.55
C PHE A 166 4.18 -16.19 18.11
N ARG A 167 3.45 -16.88 17.22
CA ARG A 167 2.70 -18.08 17.58
C ARG A 167 3.12 -19.21 16.62
N ASP A 168 3.47 -20.38 17.16
CA ASP A 168 3.86 -21.51 16.31
C ASP A 168 2.71 -22.00 15.44
N SER A 169 1.46 -21.86 15.92
CA SER A 169 0.27 -22.19 15.13
C SER A 169 0.24 -21.44 13.78
N PHE A 170 0.90 -20.28 13.68
CA PHE A 170 0.96 -19.51 12.45
C PHE A 170 2.03 -20.01 11.50
N ARG A 171 3.19 -20.49 12.01
CA ARG A 171 4.29 -21.01 11.17
C ARG A 171 3.81 -22.07 10.16
N LYS A 172 2.87 -22.91 10.59
CA LYS A 172 2.30 -23.97 9.78
C LYS A 172 1.51 -23.43 8.56
N LEU A 173 0.99 -22.19 8.65
CA LEU A 173 0.31 -21.52 7.53
C LEU A 173 1.22 -21.29 6.31
N GLY A 174 2.54 -21.53 6.48
CA GLY A 174 3.50 -21.52 5.39
C GLY A 174 3.27 -22.65 4.39
N SER A 175 2.45 -23.66 4.75
CA SER A 175 2.13 -24.74 3.83
C SER A 175 0.87 -24.47 2.99
N LEU A 176 0.11 -23.37 3.29
CA LEU A 176 -1.11 -23.00 2.57
C LEU A 176 -0.87 -22.83 1.08
N LYS A 177 0.23 -22.19 0.69
CA LYS A 177 0.56 -21.97 -0.71
C LYS A 177 0.92 -23.24 -1.46
N THR A 178 1.44 -24.26 -0.77
CA THR A 178 1.76 -25.53 -1.40
C THR A 178 0.50 -26.41 -1.48
N ALA A 179 -0.39 -26.34 -0.48
CA ALA A 179 -1.61 -27.14 -0.51
C ALA A 179 -2.64 -26.51 -1.46
N LEU A 180 -2.73 -25.19 -1.48
CA LEU A 180 -3.70 -24.43 -2.28
C LEU A 180 -2.96 -23.36 -3.11
N PRO A 181 -2.30 -23.79 -4.20
CA PRO A 181 -1.45 -22.84 -4.96
C PRO A 181 -2.16 -21.75 -5.75
N MET A 182 -3.42 -21.93 -6.15
CA MET A 182 -4.13 -20.90 -6.91
C MET A 182 -4.89 -19.90 -6.02
N VAL A 183 -4.98 -20.15 -4.71
CA VAL A 183 -5.78 -19.31 -3.81
C VAL A 183 -5.00 -18.13 -3.29
N PRO A 184 -5.48 -16.90 -3.57
CA PRO A 184 -4.78 -15.73 -3.04
C PRO A 184 -4.96 -15.63 -1.54
N ILE A 185 -3.93 -15.15 -0.85
CA ILE A 185 -3.97 -14.94 0.59
C ILE A 185 -3.97 -13.44 0.88
N VAL A 186 -4.86 -12.99 1.78
CA VAL A 186 -4.94 -11.61 2.23
C VAL A 186 -4.52 -11.61 3.68
N ALA A 187 -3.29 -11.18 3.95
CA ALA A 187 -2.73 -11.13 5.29
C ALA A 187 -3.08 -9.78 5.86
N LEU A 188 -3.65 -9.80 7.08
CA LEU A 188 -4.13 -8.61 7.75
C LEU A 188 -3.44 -8.40 9.08
N THR A 189 -3.06 -7.16 9.35
CA THR A 189 -2.39 -6.82 10.59
C THR A 189 -2.53 -5.33 10.85
N ALA A 190 -2.40 -4.95 12.11
CA ALA A 190 -2.41 -3.53 12.49
C ALA A 190 -0.99 -2.94 12.58
N THR A 191 0.06 -3.78 12.51
CA THR A 191 1.42 -3.24 12.58
C THR A 191 1.93 -2.83 11.21
N ALA A 192 2.38 -1.58 11.12
CA ALA A 192 2.94 -1.03 9.89
C ALA A 192 4.45 -1.27 9.78
N SER A 193 5.05 -2.05 10.70
CA SER A 193 6.48 -2.35 10.66
C SER A 193 6.86 -2.98 9.32
N SER A 194 7.79 -2.35 8.59
CA SER A 194 8.18 -2.88 7.28
C SER A 194 9.03 -4.14 7.43
N SER A 195 9.75 -4.29 8.55
CA SER A 195 10.58 -5.47 8.78
C SER A 195 9.67 -6.67 9.08
N ILE A 196 8.66 -6.49 9.94
CA ILE A 196 7.69 -7.54 10.25
C ILE A 196 6.93 -7.90 8.96
N ARG A 197 6.60 -6.90 8.11
CA ARG A 197 5.89 -7.14 6.85
C ARG A 197 6.70 -8.03 5.90
N GLU A 198 8.01 -7.81 5.82
CA GLU A 198 8.88 -8.67 4.98
C GLU A 198 8.79 -10.14 5.43
N ASP A 199 8.78 -10.37 6.75
CA ASP A 199 8.64 -11.73 7.29
C ASP A 199 7.24 -12.33 7.05
N ILE A 200 6.20 -11.49 7.05
CA ILE A 200 4.84 -11.96 6.73
C ILE A 200 4.81 -12.46 5.28
N VAL A 201 5.34 -11.66 4.35
CA VAL A 201 5.42 -11.96 2.91
C VAL A 201 6.17 -13.26 2.66
N ARG A 202 7.32 -13.41 3.30
CA ARG A 202 8.14 -14.60 3.17
C ARG A 202 7.52 -15.86 3.78
N CYS A 203 7.10 -15.81 5.06
CA CYS A 203 6.55 -16.97 5.76
C CYS A 203 5.24 -17.48 5.20
N LEU A 204 4.41 -16.59 4.62
CA LEU A 204 3.17 -17.01 3.99
C LEU A 204 3.36 -17.40 2.51
N ASN A 205 4.60 -17.27 1.97
CA ASN A 205 4.90 -17.59 0.57
C ASN A 205 4.05 -16.77 -0.40
N LEU A 206 3.85 -15.49 -0.08
CA LEU A 206 3.10 -14.59 -0.95
C LEU A 206 3.96 -14.22 -2.16
N ARG A 207 3.35 -14.09 -3.33
CA ARG A 207 4.09 -13.76 -4.55
C ARG A 207 3.61 -12.41 -5.05
N ASN A 208 4.57 -11.48 -5.25
CA ASN A 208 4.34 -10.09 -5.65
C ASN A 208 3.09 -9.47 -4.96
N PRO A 209 2.95 -9.61 -3.63
CA PRO A 209 1.71 -9.14 -3.00
C PRO A 209 1.48 -7.65 -3.15
N GLN A 210 0.20 -7.27 -3.28
CA GLN A 210 -0.15 -5.86 -3.27
C GLN A 210 -0.10 -5.48 -1.80
N ILE A 211 0.56 -4.35 -1.49
CA ILE A 211 0.68 -3.93 -0.09
C ILE A 211 -0.10 -2.65 0.07
N THR A 212 -0.99 -2.63 1.07
CA THR A 212 -1.72 -1.41 1.40
C THR A 212 -1.46 -1.14 2.87
N CYS A 213 -1.48 0.13 3.24
CA CYS A 213 -1.21 0.49 4.62
C CYS A 213 -2.03 1.75 4.91
N THR A 214 -3.10 1.61 5.70
CA THR A 214 -4.00 2.74 5.95
C THR A 214 -4.31 2.92 7.43
N GLY A 215 -4.76 4.12 7.79
CA GLY A 215 -5.16 4.45 9.16
C GLY A 215 -4.11 5.14 10.01
N PHE A 216 -2.99 5.53 9.40
CA PHE A 216 -1.86 6.16 10.10
C PHE A 216 -1.73 7.62 9.69
N ASP A 217 -1.65 8.53 10.67
CA ASP A 217 -1.51 9.97 10.37
C ASP A 217 -0.06 10.41 10.05
N ARG A 218 0.96 9.69 10.60
CA ARG A 218 2.40 9.93 10.31
C ARG A 218 2.90 11.37 10.51
N PRO A 219 2.88 11.84 11.77
CA PRO A 219 3.36 13.21 12.04
C PRO A 219 4.86 13.43 11.81
N ASN A 220 5.63 12.34 11.68
CA ASN A 220 7.06 12.42 11.46
C ASN A 220 7.44 12.77 10.00
N LEU A 221 6.46 12.89 9.08
CA LEU A 221 6.73 13.27 7.70
C LEU A 221 6.44 14.74 7.52
N TYR A 222 7.48 15.54 7.30
CA TYR A 222 7.32 16.98 7.04
C TYR A 222 7.12 17.14 5.53
N LEU A 223 6.17 18.01 5.11
CA LEU A 223 5.87 18.17 3.68
C LEU A 223 6.18 19.58 3.18
N GLU A 224 6.89 19.67 2.06
CA GLU A 224 7.23 20.97 1.51
C GLU A 224 7.19 21.00 -0.01
N VAL A 225 6.64 22.07 -0.59
CA VAL A 225 6.61 22.25 -2.05
C VAL A 225 7.34 23.56 -2.32
N ARG A 226 8.29 23.52 -3.25
CA ARG A 226 9.13 24.65 -3.57
C ARG A 226 9.32 24.76 -5.07
N ARG A 227 9.47 25.99 -5.55
CA ARG A 227 9.69 26.21 -6.97
C ARG A 227 11.15 25.93 -7.34
N LYS A 228 11.32 25.32 -8.49
CA LYS A 228 12.58 24.94 -9.07
C LYS A 228 13.16 26.11 -9.86
N THR A 229 14.47 26.04 -10.11
CA THR A 229 15.11 26.90 -11.09
C THR A 229 15.45 26.02 -12.35
N GLY A 230 15.56 24.69 -12.19
CA GLY A 230 15.97 23.84 -13.31
C GLY A 230 17.48 23.68 -13.36
N ASN A 231 18.24 24.57 -12.65
CA ASN A 231 19.67 24.45 -12.51
C ASN A 231 19.74 23.44 -11.38
N ILE A 232 20.03 22.18 -11.73
CA ILE A 232 20.02 21.08 -10.78
C ILE A 232 20.84 21.33 -9.50
N LEU A 233 22.13 21.70 -9.61
CA LEU A 233 22.94 21.91 -8.42
C LEU A 233 22.41 23.06 -7.56
N GLN A 234 21.94 24.15 -8.18
CA GLN A 234 21.36 25.26 -7.42
C GLN A 234 20.16 24.80 -6.59
N ASP A 235 19.28 23.97 -7.20
CA ASP A 235 18.08 23.43 -6.55
C ASP A 235 18.41 22.46 -5.41
N LEU A 236 19.43 21.60 -5.59
CA LEU A 236 19.74 20.55 -4.61
C LEU A 236 20.77 20.94 -3.55
N GLN A 237 21.54 22.02 -3.79
CA GLN A 237 22.52 22.52 -2.82
C GLN A 237 21.94 22.68 -1.39
N PRO A 238 20.74 23.27 -1.18
CA PRO A 238 20.27 23.44 0.22
C PRO A 238 20.13 22.13 1.01
N PHE A 239 20.05 20.98 0.30
CA PHE A 239 19.94 19.68 0.93
C PHE A 239 21.30 19.03 1.21
N LEU A 240 22.39 19.59 0.67
CA LEU A 240 23.74 19.01 0.72
C LEU A 240 24.59 19.51 1.83
N VAL A 241 25.45 18.63 2.33
CA VAL A 241 26.35 18.95 3.41
C VAL A 241 27.75 18.63 2.97
N LYS A 242 28.64 19.64 2.98
CA LYS A 242 30.05 19.42 2.65
C LYS A 242 30.67 18.49 3.70
N THR A 243 31.27 17.41 3.26
CA THR A 243 31.84 16.41 4.17
C THR A 243 33.21 16.07 3.61
N SER A 244 34.28 16.53 4.29
CA SER A 244 35.67 16.33 3.83
C SER A 244 35.82 16.94 2.41
N SER A 245 36.21 16.16 1.38
CA SER A 245 36.35 16.64 0.01
C SER A 245 35.15 16.33 -0.90
N HIS A 246 34.07 15.77 -0.33
CA HIS A 246 32.88 15.45 -1.12
C HIS A 246 31.60 16.03 -0.45
N TRP A 247 30.41 15.76 -1.00
CA TRP A 247 29.15 16.26 -0.43
C TRP A 247 28.20 15.09 -0.17
N GLU A 248 27.29 15.22 0.82
CA GLU A 248 26.31 14.19 1.18
C GLU A 248 24.95 14.78 1.59
N PHE A 249 23.89 13.94 1.59
CA PHE A 249 22.59 14.32 2.13
C PHE A 249 22.60 14.02 3.66
N GLU A 250 21.57 14.41 4.39
CA GLU A 250 21.49 14.16 5.84
C GLU A 250 21.38 12.66 6.15
N GLY A 251 20.70 11.93 5.28
CA GLY A 251 20.54 10.50 5.43
C GLY A 251 20.12 9.87 4.11
N PRO A 252 19.72 8.58 4.17
CA PRO A 252 19.27 7.89 2.95
C PRO A 252 18.17 8.68 2.24
N THR A 253 18.37 8.89 0.95
CA THR A 253 17.49 9.75 0.18
C THR A 253 17.07 9.08 -1.11
N ILE A 254 15.84 9.36 -1.57
CA ILE A 254 15.41 8.95 -2.90
C ILE A 254 15.00 10.24 -3.63
N ILE A 255 15.55 10.47 -4.83
CA ILE A 255 15.13 11.58 -5.65
C ILE A 255 14.28 10.98 -6.81
N TYR A 256 12.97 11.21 -6.82
CA TYR A 256 12.08 10.74 -7.89
C TYR A 256 11.99 11.78 -8.99
N CYS A 257 12.26 11.34 -10.22
CA CYS A 257 12.30 12.14 -11.42
C CYS A 257 11.18 11.69 -12.40
N PRO A 258 10.75 12.59 -13.30
CA PRO A 258 9.68 12.24 -14.25
C PRO A 258 10.11 11.40 -15.44
N SER A 259 11.42 11.23 -15.67
CA SER A 259 11.91 10.54 -16.85
C SER A 259 13.28 9.93 -16.62
N ARG A 260 13.68 8.97 -17.49
CA ARG A 260 14.99 8.35 -17.44
C ARG A 260 16.05 9.40 -17.69
N LYS A 261 15.82 10.29 -18.69
CA LYS A 261 16.77 11.36 -19.02
C LYS A 261 17.05 12.25 -17.80
N MET A 262 16.01 12.65 -17.07
CA MET A 262 16.20 13.47 -15.87
C MET A 262 16.98 12.72 -14.79
N THR A 263 16.77 11.39 -14.63
CA THR A 263 17.59 10.63 -13.67
C THR A 263 19.07 10.68 -14.06
N GLN A 264 19.41 10.54 -15.36
CA GLN A 264 20.82 10.59 -15.78
C GLN A 264 21.40 11.97 -15.51
N GLN A 265 20.66 13.03 -15.82
CA GLN A 265 21.12 14.42 -15.60
C GLN A 265 21.34 14.69 -14.11
N VAL A 266 20.36 14.31 -13.26
CA VAL A 266 20.50 14.56 -11.83
C VAL A 266 21.67 13.75 -11.25
N THR A 267 21.77 12.44 -11.59
CA THR A 267 22.89 11.62 -11.10
C THR A 267 24.24 12.19 -11.56
N GLY A 268 24.28 12.71 -12.78
CA GLY A 268 25.50 13.28 -13.35
C GLY A 268 26.05 14.43 -12.53
N GLU A 269 25.15 15.29 -12.03
CA GLU A 269 25.55 16.42 -11.19
C GLU A 269 26.00 15.97 -9.80
N LEU A 270 25.30 15.00 -9.23
CA LEU A 270 25.67 14.50 -7.91
C LEU A 270 26.97 13.70 -7.96
N ALA A 271 27.25 12.99 -9.09
CA ALA A 271 28.50 12.25 -9.24
C ALA A 271 29.69 13.22 -9.26
N LYS A 272 29.51 14.45 -9.80
CA LYS A 272 30.56 15.49 -9.81
C LYS A 272 30.98 15.89 -8.40
N LEU A 273 30.09 15.67 -7.40
CA LEU A 273 30.39 15.99 -6.01
C LEU A 273 30.93 14.80 -5.26
N ASN A 274 31.11 13.63 -5.92
CA ASN A 274 31.51 12.37 -5.27
C ASN A 274 30.52 11.98 -4.19
N LEU A 275 29.23 12.28 -4.41
CA LEU A 275 28.17 11.90 -3.49
C LEU A 275 27.91 10.40 -3.77
N SER A 276 27.61 9.64 -2.71
CA SER A 276 27.37 8.21 -2.81
C SER A 276 25.98 7.99 -3.42
N CYS A 277 25.92 7.69 -4.72
CA CYS A 277 24.62 7.61 -5.38
C CYS A 277 24.57 6.67 -6.54
N GLY A 278 23.36 6.34 -6.97
CA GLY A 278 23.14 5.45 -8.11
C GLY A 278 21.82 5.75 -8.79
N THR A 279 21.68 5.38 -10.06
CA THR A 279 20.46 5.64 -10.82
C THR A 279 19.60 4.40 -10.91
N TYR A 280 18.28 4.59 -10.95
CA TYR A 280 17.38 3.45 -11.11
C TYR A 280 16.28 3.82 -12.05
N HIS A 281 16.15 3.07 -13.13
CA HIS A 281 15.03 3.24 -14.04
C HIS A 281 14.78 1.92 -14.79
N ALA A 282 13.65 1.82 -15.49
CA ALA A 282 13.23 0.58 -16.17
C ALA A 282 13.92 0.30 -17.50
N GLY A 283 14.90 1.11 -17.87
CA GLY A 283 15.70 0.91 -19.07
C GLY A 283 17.02 0.19 -18.78
N MET A 284 17.33 -0.01 -17.50
CA MET A 284 18.57 -0.65 -17.10
C MET A 284 18.50 -2.15 -17.18
N SER A 285 19.66 -2.78 -17.32
CA SER A 285 19.71 -4.24 -17.34
C SER A 285 19.27 -4.78 -15.96
N PHE A 286 18.85 -6.04 -15.92
CA PHE A 286 18.39 -6.65 -14.67
C PHE A 286 19.49 -6.65 -13.61
N SER A 287 20.75 -6.91 -14.02
CA SER A 287 21.83 -7.00 -13.03
C SER A 287 22.16 -5.63 -12.46
N THR A 288 22.13 -4.57 -13.28
CA THR A 288 22.45 -3.24 -12.78
C THR A 288 21.33 -2.75 -11.87
N ALA A 289 20.05 -3.08 -12.17
CA ALA A 289 18.94 -2.68 -11.31
C ALA A 289 19.05 -3.39 -9.95
N LYS A 290 19.39 -4.67 -9.96
CA LYS A 290 19.52 -5.43 -8.73
C LYS A 290 20.63 -4.86 -7.83
N ASP A 291 21.75 -4.45 -8.44
CA ASP A 291 22.90 -3.94 -7.71
C ASP A 291 22.56 -2.61 -7.01
N ILE A 292 21.83 -1.71 -7.68
CA ILE A 292 21.45 -0.42 -7.07
C ILE A 292 20.53 -0.69 -5.88
N HIS A 293 19.56 -1.60 -6.06
CA HIS A 293 18.62 -1.95 -5.00
C HIS A 293 19.40 -2.51 -3.79
N HIS A 294 20.30 -3.48 -4.04
CA HIS A 294 21.17 -4.15 -3.07
C HIS A 294 22.04 -3.12 -2.35
N ARG A 295 22.72 -2.23 -3.08
CA ARG A 295 23.60 -1.24 -2.47
C ARG A 295 22.85 -0.25 -1.62
N PHE A 296 21.62 0.14 -2.03
CA PHE A 296 20.84 1.09 -1.22
C PHE A 296 20.43 0.43 0.10
N VAL A 297 19.92 -0.81 0.04
CA VAL A 297 19.50 -1.54 1.23
C VAL A 297 20.71 -1.86 2.15
N ARG A 298 21.89 -2.06 1.58
CA ARG A 298 23.11 -2.29 2.40
C ARG A 298 23.78 -0.96 2.85
N ASP A 299 23.19 0.20 2.51
CA ASP A 299 23.74 1.54 2.81
C ASP A 299 25.13 1.77 2.19
N GLU A 300 25.41 1.12 1.07
CA GLU A 300 26.63 1.35 0.27
C GLU A 300 26.44 2.55 -0.67
N ILE A 301 25.18 2.98 -0.91
CA ILE A 301 24.82 4.21 -1.57
C ILE A 301 23.81 4.94 -0.69
N GLN A 302 24.00 6.23 -0.58
CA GLN A 302 23.13 7.06 0.25
C GLN A 302 21.88 7.51 -0.51
N CYS A 303 22.04 7.81 -1.79
CA CYS A 303 20.94 8.39 -2.57
C CYS A 303 20.65 7.60 -3.87
N VAL A 304 19.36 7.31 -4.10
CA VAL A 304 18.97 6.68 -5.35
C VAL A 304 18.23 7.74 -6.15
N ILE A 305 18.65 7.95 -7.41
CA ILE A 305 17.98 8.90 -8.30
C ILE A 305 17.17 8.01 -9.22
N ALA A 306 15.85 8.11 -9.13
CA ALA A 306 14.99 7.12 -9.76
C ALA A 306 13.79 7.66 -10.50
N THR A 307 13.22 6.85 -11.39
CA THR A 307 11.90 7.08 -11.94
C THR A 307 10.91 6.34 -10.98
N ILE A 308 9.59 6.37 -11.29
CA ILE A 308 8.56 5.67 -10.55
C ILE A 308 8.86 4.17 -10.43
N ALA A 309 9.75 3.60 -11.31
CA ALA A 309 10.10 2.19 -11.30
C ALA A 309 10.72 1.71 -9.97
N PHE A 310 11.36 2.64 -9.20
CA PHE A 310 12.00 2.23 -7.94
C PHE A 310 11.13 2.49 -6.74
N GLY A 311 11.10 1.55 -5.81
CA GLY A 311 10.42 1.79 -4.55
C GLY A 311 9.73 0.59 -3.93
N MET A 312 8.97 -0.16 -4.73
CA MET A 312 8.23 -1.30 -4.20
C MET A 312 9.15 -2.40 -3.73
N GLY A 313 8.79 -3.01 -2.61
CA GLY A 313 9.56 -4.11 -2.06
C GLY A 313 10.89 -3.74 -1.44
N ILE A 314 11.12 -2.44 -1.17
CA ILE A 314 12.33 -1.99 -0.49
C ILE A 314 12.10 -2.07 1.04
N ASN A 315 12.79 -2.99 1.75
CA ASN A 315 12.62 -3.06 3.21
C ASN A 315 13.63 -2.10 3.78
N LYS A 316 13.28 -0.80 3.80
CA LYS A 316 14.20 0.20 4.32
C LYS A 316 13.39 1.18 5.15
N ALA A 317 13.68 1.24 6.41
CA ALA A 317 12.91 2.05 7.35
C ALA A 317 13.49 3.41 7.65
N ASP A 318 14.72 3.69 7.21
CA ASP A 318 15.40 4.91 7.55
C ASP A 318 15.62 5.84 6.36
N ILE A 319 14.59 5.95 5.48
CA ILE A 319 14.68 6.93 4.39
C ILE A 319 14.37 8.28 5.01
N ARG A 320 15.37 9.13 5.11
CA ARG A 320 15.21 10.43 5.77
C ARG A 320 14.64 11.50 4.86
N GLN A 321 14.84 11.35 3.54
CA GLN A 321 14.38 12.37 2.63
C GLN A 321 13.89 11.79 1.33
N VAL A 322 12.74 12.28 0.86
CA VAL A 322 12.25 11.96 -0.48
C VAL A 322 12.16 13.34 -1.20
N ILE A 323 12.79 13.47 -2.38
CA ILE A 323 12.70 14.68 -3.17
C ILE A 323 12.07 14.33 -4.50
N HIS A 324 10.98 14.98 -4.87
CA HIS A 324 10.38 14.83 -6.19
C HIS A 324 10.98 15.96 -7.01
N TYR A 325 11.92 15.62 -7.90
CA TYR A 325 12.59 16.62 -8.72
C TYR A 325 11.81 16.75 -10.02
N GLY A 326 10.85 17.64 -9.99
CA GLY A 326 9.90 17.84 -11.07
C GLY A 326 8.53 17.55 -10.51
N ALA A 327 7.50 18.25 -11.00
CA ALA A 327 6.12 18.05 -10.56
C ALA A 327 5.68 16.60 -10.79
N PRO A 328 5.21 15.91 -9.74
CA PRO A 328 4.73 14.53 -9.96
C PRO A 328 3.55 14.50 -10.93
N LYS A 329 3.44 13.44 -11.77
CA LYS A 329 2.34 13.35 -12.73
C LYS A 329 1.03 12.88 -12.09
N ASP A 330 1.10 12.20 -10.95
CA ASP A 330 -0.08 11.50 -10.43
C ASP A 330 -0.11 11.54 -8.89
N MET A 331 -1.21 12.06 -8.32
CA MET A 331 -1.35 12.21 -6.87
C MET A 331 -1.23 10.86 -6.14
N GLU A 332 -1.82 9.82 -6.72
CA GLU A 332 -1.79 8.48 -6.13
C GLU A 332 -0.35 7.97 -6.12
N SER A 333 0.38 8.14 -7.24
CA SER A 333 1.78 7.69 -7.29
C SER A 333 2.64 8.45 -6.25
N TYR A 334 2.43 9.76 -6.15
CA TYR A 334 3.11 10.62 -5.18
C TYR A 334 2.89 10.09 -3.74
N TYR A 335 1.63 9.74 -3.42
CA TYR A 335 1.28 9.19 -2.11
C TYR A 335 2.08 7.91 -1.78
N GLN A 336 2.14 6.94 -2.72
CA GLN A 336 2.91 5.71 -2.52
C GLN A 336 4.40 6.05 -2.28
N GLU A 337 4.93 7.01 -3.03
CA GLU A 337 6.36 7.43 -2.95
C GLU A 337 6.73 8.06 -1.62
N ILE A 338 5.99 9.09 -1.19
CA ILE A 338 6.28 9.72 0.09
C ILE A 338 6.00 8.76 1.28
N GLY A 339 5.09 7.79 1.10
CA GLY A 339 4.82 6.75 2.11
C GLY A 339 6.03 5.91 2.42
N ARG A 340 7.02 5.87 1.47
CA ARG A 340 8.27 5.14 1.71
C ARG A 340 9.23 5.87 2.65
N ALA A 341 8.98 7.15 2.95
CA ALA A 341 9.87 7.87 3.88
C ALA A 341 9.55 7.54 5.36
N GLY A 342 10.59 7.60 6.19
CA GLY A 342 10.53 7.50 7.66
C GLY A 342 9.67 6.40 8.24
N ARG A 343 9.80 5.18 7.71
CA ARG A 343 9.01 4.05 8.23
C ARG A 343 9.47 3.63 9.64
N ASP A 344 10.62 4.14 10.12
CA ASP A 344 11.11 3.93 11.48
C ASP A 344 10.44 4.92 12.49
N GLY A 345 9.54 5.78 12.00
CA GLY A 345 8.86 6.75 12.83
C GLY A 345 9.69 7.96 13.22
N LEU A 346 10.96 8.06 12.73
CA LEU A 346 11.79 9.21 13.03
C LEU A 346 11.53 10.32 12.01
N GLN A 347 11.91 11.57 12.33
CA GLN A 347 11.68 12.71 11.45
C GLN A 347 12.26 12.49 10.07
N SER A 348 11.42 12.72 9.05
CA SER A 348 11.79 12.67 7.66
C SER A 348 11.14 13.86 6.94
N SER A 349 11.63 14.16 5.73
CA SER A 349 11.09 15.27 4.96
C SER A 349 10.77 14.80 3.56
N CYS A 350 9.70 15.33 2.98
CA CYS A 350 9.33 15.00 1.62
C CYS A 350 9.15 16.33 0.93
N HIS A 351 10.07 16.66 0.00
CA HIS A 351 10.04 17.92 -0.73
C HIS A 351 9.73 17.72 -2.19
N VAL A 352 8.86 18.57 -2.75
CA VAL A 352 8.64 18.61 -4.18
C VAL A 352 9.33 19.87 -4.72
N LEU A 353 10.13 19.74 -5.77
CA LEU A 353 10.73 20.89 -6.45
C LEU A 353 10.06 20.90 -7.81
N TRP A 354 9.31 21.96 -8.14
CA TRP A 354 8.53 21.96 -9.36
C TRP A 354 8.52 23.31 -10.12
N ALA A 355 8.02 23.29 -11.35
CA ALA A 355 7.84 24.49 -12.16
C ALA A 355 6.60 24.27 -13.04
N PRO A 356 5.83 25.33 -13.34
CA PRO A 356 4.69 25.17 -14.26
C PRO A 356 5.01 24.42 -15.55
N ALA A 357 6.24 24.57 -16.11
CA ALA A 357 6.65 23.89 -17.35
C ALA A 357 6.63 22.37 -17.20
N ASP A 358 6.90 21.86 -15.99
CA ASP A 358 6.82 20.42 -15.74
C ASP A 358 5.36 19.97 -15.95
N ILE A 359 4.39 20.72 -15.42
CA ILE A 359 2.98 20.35 -15.57
C ILE A 359 2.57 20.38 -17.05
N ASN A 360 3.01 21.38 -17.82
CA ASN A 360 2.67 21.44 -19.25
C ASN A 360 3.22 20.22 -20.00
N LEU A 361 4.45 19.81 -19.68
CA LEU A 361 5.06 18.62 -20.26
C LEU A 361 4.29 17.35 -19.86
N ASN A 362 3.96 17.22 -18.56
CA ASN A 362 3.19 16.10 -18.01
C ASN A 362 1.85 15.93 -18.76
N ARG A 363 1.15 17.05 -19.00
CA ARG A 363 -0.13 17.12 -19.69
C ARG A 363 0.02 16.64 -21.14
N HIS A 364 1.06 17.08 -21.85
CA HIS A 364 1.29 16.66 -23.24
C HIS A 364 1.46 15.12 -23.32
N LEU A 365 2.25 14.55 -22.42
CA LEU A 365 2.52 13.12 -22.41
C LEU A 365 1.25 12.28 -22.16
N LEU A 366 0.30 12.82 -21.41
CA LEU A 366 -1.01 12.23 -21.10
C LEU A 366 -1.78 11.94 -22.40
N THR A 367 -1.65 12.81 -23.42
CA THR A 367 -2.30 12.59 -24.73
C THR A 367 -1.78 11.32 -25.44
N GLU A 368 -0.62 10.80 -25.01
CA GLU A 368 -0.07 9.58 -25.58
C GLU A 368 -0.77 8.31 -25.09
N ILE A 369 -1.54 8.38 -23.99
CA ILE A 369 -2.24 7.19 -23.46
C ILE A 369 -3.38 6.82 -24.42
N ARG A 370 -3.34 5.63 -25.01
CA ARG A 370 -4.36 5.22 -25.98
C ARG A 370 -5.68 4.80 -25.37
N ASN A 371 -5.64 4.17 -24.18
CA ASN A 371 -6.86 3.72 -23.55
C ASN A 371 -7.57 4.96 -22.99
N ALA A 372 -8.75 5.30 -23.54
CA ALA A 372 -9.48 6.50 -23.15
C ALA A 372 -9.86 6.53 -21.63
N LYS A 373 -10.37 5.41 -21.12
CA LYS A 373 -10.74 5.34 -19.69
C LYS A 373 -9.52 5.57 -18.81
N PHE A 374 -8.40 4.93 -19.13
CA PHE A 374 -7.17 5.11 -18.35
C PHE A 374 -6.64 6.51 -18.47
N ARG A 375 -6.70 7.09 -19.68
CA ARG A 375 -6.19 8.46 -19.88
C ARG A 375 -6.97 9.44 -18.99
N LEU A 376 -8.30 9.28 -18.87
CA LEU A 376 -9.10 10.17 -18.02
C LEU A 376 -8.78 9.97 -16.54
N TYR A 377 -8.61 8.72 -16.12
CA TYR A 377 -8.18 8.44 -14.72
C TYR A 377 -6.85 9.17 -14.44
N LYS A 378 -5.85 9.04 -15.38
CA LYS A 378 -4.55 9.69 -15.23
C LYS A 378 -4.65 11.21 -15.21
N LEU A 379 -5.55 11.76 -16.04
CA LEU A 379 -5.79 13.20 -16.12
C LEU A 379 -6.32 13.68 -14.76
N LYS A 380 -7.25 12.95 -14.15
CA LYS A 380 -7.80 13.31 -12.85
C LYS A 380 -6.72 13.22 -11.73
N MET A 381 -5.84 12.23 -11.82
CA MET A 381 -4.72 12.09 -10.87
C MET A 381 -3.75 13.27 -11.01
N MET A 382 -3.52 13.72 -12.25
CA MET A 382 -2.65 14.87 -12.50
C MET A 382 -3.28 16.16 -12.03
N ALA A 383 -4.60 16.32 -12.24
CA ALA A 383 -5.30 17.54 -11.80
C ALA A 383 -5.25 17.69 -10.29
N LYS A 384 -5.35 16.58 -9.55
CA LYS A 384 -5.26 16.63 -8.07
C LYS A 384 -3.85 17.06 -7.67
N MET A 385 -2.82 16.57 -8.38
CA MET A 385 -1.44 16.95 -8.09
C MET A 385 -1.20 18.43 -8.38
N GLU A 386 -1.72 18.93 -9.50
CA GLU A 386 -1.55 20.35 -9.87
C GLU A 386 -2.19 21.29 -8.82
N LYS A 387 -3.40 20.95 -8.37
CA LYS A 387 -4.12 21.73 -7.35
C LYS A 387 -3.32 21.72 -6.04
N TYR A 388 -2.77 20.56 -5.68
CA TYR A 388 -1.95 20.45 -4.46
C TYR A 388 -0.70 21.33 -4.55
N LEU A 389 0.00 21.29 -5.69
CA LEU A 389 1.22 22.08 -5.85
C LEU A 389 0.98 23.57 -5.77
N HIS A 390 -0.14 24.05 -6.38
CA HIS A 390 -0.46 25.47 -6.36
C HIS A 390 -1.11 25.96 -5.06
N SER A 391 -1.51 25.03 -4.18
CA SER A 391 -2.27 25.42 -3.00
C SER A 391 -1.49 26.14 -1.93
N SER A 392 -2.15 27.10 -1.29
CA SER A 392 -1.56 27.75 -0.12
C SER A 392 -2.15 27.15 1.20
N ARG A 393 -2.96 26.08 1.10
CA ARG A 393 -3.57 25.45 2.26
C ARG A 393 -2.69 24.32 2.81
N CYS A 394 -2.95 23.85 4.04
CA CYS A 394 -2.18 22.77 4.65
C CYS A 394 -1.96 21.56 3.70
N ARG A 395 -0.71 21.17 3.48
CA ARG A 395 -0.41 20.05 2.58
C ARG A 395 -0.87 18.72 3.17
N ARG A 396 -0.71 18.56 4.48
CA ARG A 396 -1.11 17.34 5.18
C ARG A 396 -2.63 17.19 5.10
N GLN A 397 -3.37 18.29 5.31
CA GLN A 397 -4.82 18.26 5.22
C GLN A 397 -5.31 17.83 3.83
N ILE A 398 -4.67 18.34 2.76
CA ILE A 398 -5.03 17.97 1.39
C ILE A 398 -4.81 16.46 1.18
N ILE A 399 -3.63 15.96 1.52
CA ILE A 399 -3.28 14.55 1.29
C ILE A 399 -4.19 13.58 2.06
N LEU A 400 -4.42 13.88 3.34
CA LEU A 400 -5.27 13.03 4.16
C LEU A 400 -6.71 13.06 3.69
N SER A 401 -7.19 14.21 3.20
CA SER A 401 -8.55 14.30 2.68
C SER A 401 -8.71 13.43 1.43
N HIS A 402 -7.66 13.32 0.59
CA HIS A 402 -7.72 12.46 -0.58
C HIS A 402 -7.66 10.98 -0.23
N PHE A 403 -6.82 10.60 0.73
CA PHE A 403 -6.50 9.19 0.95
C PHE A 403 -6.92 8.52 2.24
N GLU A 404 -7.25 9.28 3.28
CA GLU A 404 -7.55 8.70 4.58
C GLU A 404 -8.96 8.93 5.09
N ASP A 405 -9.38 8.14 6.10
CA ASP A 405 -10.71 8.28 6.68
C ASP A 405 -10.78 9.52 7.58
N LYS A 406 -12.00 9.91 7.96
CA LYS A 406 -12.25 11.06 8.80
C LYS A 406 -11.54 10.99 10.16
N GLN A 407 -11.33 9.78 10.71
CA GLN A 407 -10.67 9.65 12.01
C GLN A 407 -9.21 10.01 11.92
N VAL A 408 -8.51 9.56 10.87
CA VAL A 408 -7.11 9.91 10.66
C VAL A 408 -6.98 11.42 10.40
N GLN A 409 -7.93 12.00 9.62
CA GLN A 409 -7.93 13.45 9.36
C GLN A 409 -8.06 14.23 10.67
N LYS A 410 -9.00 13.75 11.53
CA LYS A 410 -9.25 14.32 12.83
C LYS A 410 -8.02 14.23 13.70
N ALA A 411 -7.33 13.08 13.69
CA ALA A 411 -6.09 12.85 14.46
C ALA A 411 -4.93 13.77 14.03
N SER A 412 -4.91 14.18 12.75
CA SER A 412 -3.86 15.06 12.23
C SER A 412 -4.06 16.53 12.59
N LEU A 413 -5.23 16.89 13.14
CA LEU A 413 -5.50 18.27 13.53
C LEU A 413 -4.53 18.78 14.61
N GLY A 414 -3.88 17.87 15.34
CA GLY A 414 -2.91 18.21 16.38
C GLY A 414 -1.61 18.77 15.84
N ILE A 415 -1.14 18.26 14.70
CA ILE A 415 0.09 18.79 14.09
C ILE A 415 -0.24 19.93 13.10
N MET A 416 -1.44 19.90 12.46
CA MET A 416 -1.88 20.93 11.51
C MET A 416 -1.79 22.31 12.13
N GLY A 417 -1.30 23.28 11.37
CA GLY A 417 -1.14 24.64 11.87
C GLY A 417 0.17 24.85 12.61
N THR A 418 0.91 23.77 12.95
CA THR A 418 2.16 23.92 13.68
C THR A 418 3.38 23.98 12.75
N GLU A 419 4.54 24.40 13.31
CA GLU A 419 5.81 24.55 12.60
C GLU A 419 6.38 23.25 12.04
N LYS A 420 5.93 22.08 12.54
CA LYS A 420 6.41 20.81 12.00
C LYS A 420 5.50 20.14 10.98
N CYS A 421 4.37 20.78 10.62
CA CYS A 421 3.41 20.16 9.71
C CYS A 421 3.87 20.17 8.26
N CYS A 422 3.91 21.36 7.67
CA CYS A 422 4.15 21.53 6.25
C CYS A 422 4.59 22.96 6.01
N ASP A 423 5.08 23.24 4.80
CA ASP A 423 5.52 24.59 4.47
C ASP A 423 4.40 25.63 4.54
N ASN A 424 3.16 25.25 4.12
CA ASN A 424 2.04 26.19 4.13
C ASN A 424 1.60 26.56 5.54
N CYS A 425 1.69 25.62 6.46
CA CYS A 425 1.36 25.87 7.86
C CYS A 425 2.44 26.79 8.47
N ARG A 426 3.71 26.55 8.15
CA ARG A 426 4.79 27.41 8.64
C ARG A 426 4.63 28.84 8.07
N SER A 427 4.26 28.94 6.77
CA SER A 427 4.06 30.26 6.16
C SER A 427 2.86 30.97 6.78
N ALA A 428 1.78 30.25 7.14
CA ALA A 428 0.60 30.88 7.75
C ALA A 428 0.83 31.24 9.21
N LEU A 429 1.76 30.54 9.87
CA LEU A 429 2.09 30.80 11.25
C LEU A 429 2.74 32.17 11.35
N ASP A 430 3.75 32.42 10.50
CA ASP A 430 4.40 33.71 10.53
C ASP A 430 4.99 34.12 9.17
#